data_7Q1K
#
_entry.id   7Q1K
#
_cell.length_a   37.690
_cell.length_b   64.191
_cell.length_c   88.533
_cell.angle_alpha   90.000
_cell.angle_beta   90.000
_cell.angle_gamma   90.000
#
_symmetry.space_group_name_H-M   'P 21 21 21'
#
loop_
_entity.id
_entity.type
_entity.pdbx_description
1 polymer 'Gh61 isozyme a'
2 branched 2-acetamido-2-deoxy-beta-D-glucopyranose-(1-4)-2-acetamido-2-deoxy-beta-D-glucopyranose
3 non-polymer GLYCEROL
4 non-polymer 'COPPER (II) ION'
5 non-polymer 'SODIUM ION'
6 water water
#
_entity_poly.entity_id   1
_entity_poly.type   'polypeptide(L)'
_entity_poly.pdbx_seq_one_letter_code
;(HIC)GFVQNIVIDGKNYGGYLVNQYPYMSNPPEVIAWSTTATDLGFVDGTGYQTPDIICHRGAKPGALTAPVSPGGTVE
LQWTPWPDSHHGPVINYLAPCNGDCSTVDKTQLEFFKIAESGLINDDNPPGIWASDNLIAANNSWTVTIPTTIAPGNYVL
RHEIIALHSAQNQDGAQNYPQCINLQVTGGGSDNPAGTLGTALYHDTDPGILINIYQKLSSYIIPGPPLYTG
;
_entity_poly.pdbx_strand_id   A
#
loop_
_chem_comp.id
_chem_comp.type
_chem_comp.name
_chem_comp.formula
CU non-polymer 'COPPER (II) ION' 'Cu 2'
GOL non-polymer GLYCEROL 'C3 H8 O3'
NA non-polymer 'SODIUM ION' 'Na 1'
NAG D-saccharide, beta linking 2-acetamido-2-deoxy-beta-D-glucopyranose 'C8 H15 N O6'
#
# COMPACT_ATOMS: atom_id res chain seq x y z
N HIC A 1 8.30 -10.97 -0.98
CA HIC A 1 7.03 -11.66 -1.23
C HIC A 1 6.19 -11.81 0.03
O HIC A 1 6.65 -12.16 1.11
CB HIC A 1 7.19 -13.07 -1.83
CG HIC A 1 7.66 -12.98 -3.21
ND1 HIC A 1 8.75 -12.22 -3.65
CD2 HIC A 1 7.07 -13.62 -4.32
CE1 HIC A 1 8.83 -12.39 -4.97
NE2 HIC A 1 7.83 -13.24 -5.44
CZ HIC A 1 7.63 -13.65 -6.79
N GLY A 2 4.89 -11.54 -0.13
CA GLY A 2 3.97 -11.56 0.99
C GLY A 2 2.73 -10.74 0.67
N PHE A 3 1.80 -10.70 1.61
CA PHE A 3 0.55 -9.97 1.39
C PHE A 3 -0.02 -9.64 2.77
N VAL A 4 -1.03 -8.78 2.78
CA VAL A 4 -1.68 -8.40 4.03
C VAL A 4 -2.75 -9.45 4.35
N GLN A 5 -2.60 -10.13 5.48
CA GLN A 5 -3.52 -11.22 5.84
C GLN A 5 -4.58 -10.81 6.85
N ASN A 6 -4.38 -9.71 7.56
CA ASN A 6 -5.34 -9.27 8.56
C ASN A 6 -5.18 -7.77 8.74
N ILE A 7 -6.29 -7.11 9.06
CA ILE A 7 -6.31 -5.68 9.31
C ILE A 7 -7.01 -5.44 10.64
N VAL A 8 -6.39 -4.63 11.50
CA VAL A 8 -6.97 -4.31 12.80
C VAL A 8 -7.32 -2.83 12.77
N ILE A 9 -8.60 -2.53 12.87
CA ILE A 9 -9.10 -1.16 12.78
C ILE A 9 -9.68 -0.81 14.13
N ASP A 10 -9.06 0.15 14.81
CA ASP A 10 -9.45 0.52 16.16
C ASP A 10 -9.65 -0.71 17.04
N GLY A 11 -8.74 -1.69 16.93
CA GLY A 11 -8.80 -2.90 17.72
C GLY A 11 -9.65 -4.03 17.16
N LYS A 12 -10.42 -3.81 16.10
CA LYS A 12 -11.30 -4.82 15.55
C LYS A 12 -10.62 -5.52 14.38
N ASN A 13 -10.71 -6.84 14.34
CA ASN A 13 -10.04 -7.63 13.32
C ASN A 13 -10.90 -7.71 12.07
N TYR A 14 -10.27 -7.49 10.92
CA TYR A 14 -10.89 -7.72 9.62
C TYR A 14 -9.95 -8.60 8.82
N GLY A 15 -10.45 -9.74 8.36
CA GLY A 15 -9.60 -10.62 7.57
C GLY A 15 -9.18 -9.97 6.27
N GLY A 16 -7.95 -10.24 5.86
CA GLY A 16 -7.46 -9.74 4.58
C GLY A 16 -7.89 -10.62 3.44
N TYR A 17 -7.52 -10.22 2.22
CA TYR A 17 -7.74 -11.08 1.08
C TYR A 17 -6.63 -12.12 1.04
N LEU A 18 -6.99 -13.38 1.32
CA LEU A 18 -5.99 -14.44 1.46
C LEU A 18 -5.64 -14.95 0.08
N VAL A 19 -4.73 -14.24 -0.57
CA VAL A 19 -4.37 -14.53 -1.95
C VAL A 19 -3.68 -15.88 -2.09
N ASN A 20 -3.26 -16.47 -0.98
CA ASN A 20 -2.70 -17.82 -0.97
C ASN A 20 -3.78 -18.89 -0.92
N GLN A 21 -5.07 -18.52 -0.87
CA GLN A 21 -6.10 -19.51 -0.62
C GLN A 21 -7.41 -19.20 -1.35
N TYR A 22 -7.93 -17.98 -1.17
CA TYR A 22 -9.21 -17.62 -1.78
C TYR A 22 -9.27 -17.77 -3.30
N PRO A 23 -8.22 -17.46 -4.07
CA PRO A 23 -8.31 -17.65 -5.53
C PRO A 23 -8.61 -19.07 -5.93
N TYR A 24 -8.40 -20.02 -5.04
CA TYR A 24 -8.55 -21.43 -5.37
C TYR A 24 -9.83 -22.04 -4.85
N MET A 25 -10.67 -21.27 -4.17
CA MET A 25 -11.88 -21.73 -3.50
CA MET A 25 -11.87 -21.79 -3.57
C MET A 25 -13.12 -21.22 -4.23
N SER A 26 -14.22 -21.95 -4.05
CA SER A 26 -15.44 -21.63 -4.78
CA SER A 26 -15.44 -21.63 -4.79
C SER A 26 -16.13 -20.40 -4.22
N ASN A 27 -16.27 -20.32 -2.90
CA ASN A 27 -17.03 -19.25 -2.25
C ASN A 27 -16.20 -18.55 -1.18
N PRO A 28 -15.20 -17.77 -1.57
CA PRO A 28 -14.39 -17.07 -0.58
C PRO A 28 -15.21 -16.00 0.13
N PRO A 29 -14.86 -15.67 1.36
CA PRO A 29 -15.68 -14.72 2.12
C PRO A 29 -15.53 -13.31 1.60
N GLU A 30 -16.56 -12.52 1.88
CA GLU A 30 -16.51 -11.08 1.63
C GLU A 30 -15.60 -10.45 2.67
N VAL A 31 -14.72 -9.57 2.22
CA VAL A 31 -13.76 -8.90 3.09
C VAL A 31 -13.66 -7.44 2.67
N ILE A 32 -13.02 -6.63 3.52
CA ILE A 32 -12.75 -5.23 3.18
C ILE A 32 -11.58 -5.09 2.23
N ALA A 33 -10.80 -6.15 2.05
CA ALA A 33 -9.60 -6.11 1.24
C ALA A 33 -9.95 -6.43 -0.22
N TRP A 34 -9.25 -5.78 -1.14
CA TRP A 34 -9.46 -6.07 -2.54
C TRP A 34 -8.95 -7.47 -2.88
N SER A 35 -9.64 -8.16 -3.78
CA SER A 35 -9.08 -9.39 -4.33
C SER A 35 -7.99 -9.00 -5.31
N THR A 36 -7.03 -9.89 -5.51
CA THR A 36 -6.00 -9.72 -6.53
C THR A 36 -5.72 -11.06 -7.16
N THR A 37 -5.02 -11.01 -8.30
CA THR A 37 -4.52 -12.20 -8.96
C THR A 37 -3.04 -12.45 -8.70
N ALA A 38 -2.46 -11.79 -7.69
CA ALA A 38 -1.04 -11.91 -7.39
C ALA A 38 -0.77 -13.17 -6.58
N THR A 39 -1.12 -14.32 -7.18
CA THR A 39 -1.04 -15.59 -6.49
C THR A 39 0.39 -16.07 -6.31
N ASP A 40 1.37 -15.49 -7.02
CA ASP A 40 2.76 -15.74 -6.70
C ASP A 40 3.21 -15.05 -5.42
N LEU A 41 2.34 -14.28 -4.76
CA LEU A 41 2.68 -13.46 -3.60
C LEU A 41 3.66 -12.35 -3.97
N GLY A 42 3.74 -12.03 -5.25
CA GLY A 42 4.75 -11.16 -5.81
C GLY A 42 4.31 -9.73 -5.94
N PHE A 43 4.80 -9.07 -6.99
CA PHE A 43 4.86 -7.62 -7.00
C PHE A 43 4.37 -7.12 -8.36
N VAL A 44 4.32 -5.79 -8.46
CA VAL A 44 4.19 -5.08 -9.72
C VAL A 44 5.49 -4.30 -9.91
N ASP A 45 6.21 -4.58 -10.98
CA ASP A 45 7.44 -3.84 -11.23
C ASP A 45 7.19 -2.69 -12.19
N GLY A 46 8.26 -2.00 -12.58
CA GLY A 46 8.14 -0.77 -13.34
C GLY A 46 7.48 -0.95 -14.70
N THR A 47 7.52 -2.16 -15.26
CA THR A 47 6.80 -2.39 -16.51
C THR A 47 5.30 -2.21 -16.35
N GLY A 48 4.80 -2.25 -15.11
CA GLY A 48 3.38 -2.07 -14.85
C GLY A 48 2.97 -0.74 -14.26
N TYR A 49 3.89 0.22 -14.14
CA TYR A 49 3.55 1.46 -13.44
C TYR A 49 2.48 2.26 -14.16
N GLN A 50 2.38 2.13 -15.48
CA GLN A 50 1.35 2.82 -16.24
C GLN A 50 0.23 1.88 -16.66
N THR A 51 0.07 0.76 -15.98
CA THR A 51 -1.03 -0.17 -16.19
C THR A 51 -1.91 -0.23 -14.95
N PRO A 52 -3.16 -0.68 -15.06
CA PRO A 52 -4.02 -0.77 -13.87
C PRO A 52 -3.48 -1.67 -12.76
N ASP A 53 -2.52 -2.56 -13.05
CA ASP A 53 -1.96 -3.43 -12.02
C ASP A 53 -1.36 -2.65 -10.85
N ILE A 54 -0.79 -1.47 -11.09
CA ILE A 54 -0.13 -0.72 -10.01
C ILE A 54 -1.13 -0.17 -8.99
N ILE A 55 -2.41 -0.05 -9.36
CA ILE A 55 -3.37 0.63 -8.48
C ILE A 55 -3.56 -0.15 -7.19
N CYS A 56 -4.01 -1.40 -7.28
CA CYS A 56 -4.28 -2.20 -6.09
C CYS A 56 -3.73 -3.61 -6.25
N HIS A 57 -2.68 -3.75 -7.07
CA HIS A 57 -2.03 -5.00 -7.42
C HIS A 57 -2.69 -5.67 -8.62
N ARG A 58 -2.03 -6.67 -9.17
CA ARG A 58 -2.47 -7.28 -10.42
CA ARG A 58 -2.47 -7.27 -10.42
C ARG A 58 -3.89 -7.82 -10.30
N GLY A 59 -4.71 -7.52 -11.31
CA GLY A 59 -6.05 -8.06 -11.40
C GLY A 59 -7.00 -7.66 -10.30
N ALA A 60 -6.67 -6.61 -9.56
CA ALA A 60 -7.40 -6.33 -8.32
C ALA A 60 -8.83 -5.89 -8.58
N LYS A 61 -9.73 -6.31 -7.71
CA LYS A 61 -11.12 -5.89 -7.70
C LYS A 61 -11.52 -5.47 -6.30
N PRO A 62 -12.42 -4.50 -6.18
CA PRO A 62 -12.79 -3.98 -4.84
C PRO A 62 -13.30 -5.06 -3.90
N GLY A 63 -12.89 -4.95 -2.65
CA GLY A 63 -13.51 -5.76 -1.62
C GLY A 63 -15.01 -5.48 -1.54
N ALA A 64 -15.76 -6.48 -1.10
CA ALA A 64 -17.20 -6.37 -0.98
C ALA A 64 -17.63 -5.59 0.25
N LEU A 65 -16.75 -5.42 1.24
CA LEU A 65 -17.11 -4.76 2.49
C LEU A 65 -16.27 -3.50 2.65
N THR A 66 -16.76 -2.62 3.53
CA THR A 66 -16.09 -1.39 3.88
C THR A 66 -16.13 -1.25 5.40
N ALA A 67 -14.97 -0.86 6.01
CA ALA A 67 -14.91 -0.85 7.47
C ALA A 67 -14.99 0.57 8.02
N PRO A 68 -15.91 0.86 8.94
CA PRO A 68 -15.88 2.17 9.62
C PRO A 68 -14.60 2.36 10.41
N VAL A 69 -14.07 3.58 10.36
CA VAL A 69 -12.91 3.95 11.17
CA VAL A 69 -12.88 3.97 11.13
C VAL A 69 -13.21 5.26 11.89
N SER A 70 -12.82 5.31 13.16
CA SER A 70 -13.07 6.48 13.99
C SER A 70 -12.19 7.64 13.56
N PRO A 71 -12.50 8.86 14.01
CA PRO A 71 -11.70 10.02 13.58
C PRO A 71 -10.26 9.90 14.05
N GLY A 72 -9.33 10.05 13.12
CA GLY A 72 -7.94 9.83 13.43
C GLY A 72 -7.67 8.44 13.96
N GLY A 73 -8.51 7.48 13.61
CA GLY A 73 -8.34 6.12 14.07
C GLY A 73 -7.16 5.42 13.42
N THR A 74 -6.88 4.22 13.93
CA THR A 74 -5.71 3.47 13.54
C THR A 74 -6.11 2.26 12.70
N VAL A 75 -5.34 2.03 11.65
CA VAL A 75 -5.51 0.90 10.76
C VAL A 75 -4.18 0.16 10.76
N GLU A 76 -4.16 -1.04 11.33
CA GLU A 76 -2.95 -1.84 11.40
C GLU A 76 -3.03 -2.96 10.38
N LEU A 77 -2.10 -2.94 9.43
CA LEU A 77 -2.03 -3.94 8.37
C LEU A 77 -1.01 -4.98 8.76
N GLN A 78 -1.45 -6.22 8.90
CA GLN A 78 -0.61 -7.32 9.35
C GLN A 78 -0.24 -8.17 8.15
N TRP A 79 1.04 -8.16 7.80
CA TRP A 79 1.57 -8.89 6.66
C TRP A 79 1.96 -10.30 7.07
N THR A 80 2.03 -11.18 6.08
CA THR A 80 2.76 -12.42 6.22
C THR A 80 4.23 -12.04 6.46
N PRO A 81 5.07 -12.96 6.92
CA PRO A 81 6.43 -12.54 7.33
C PRO A 81 7.23 -11.92 6.18
N TRP A 82 7.71 -10.69 6.41
CA TRP A 82 8.32 -9.93 5.33
C TRP A 82 9.81 -10.21 5.30
N PRO A 83 10.40 -10.50 4.13
CA PRO A 83 11.84 -10.83 4.10
C PRO A 83 12.70 -9.61 4.37
N ASP A 84 13.71 -9.79 5.22
CA ASP A 84 14.62 -8.69 5.54
C ASP A 84 15.31 -8.14 4.29
N SER A 85 15.54 -8.98 3.29
CA SER A 85 16.23 -8.53 2.09
C SER A 85 15.43 -7.50 1.33
N HIS A 86 14.12 -7.50 1.49
CA HIS A 86 13.23 -6.62 0.73
C HIS A 86 13.17 -5.23 1.38
N HIS A 87 14.34 -4.58 1.43
CA HIS A 87 14.45 -3.23 2.00
C HIS A 87 13.76 -2.19 1.12
N GLY A 88 13.02 -1.29 1.75
CA GLY A 88 12.48 -0.17 1.03
C GLY A 88 11.43 0.57 1.80
N PRO A 89 10.84 1.58 1.16
CA PRO A 89 9.88 2.45 1.84
C PRO A 89 8.53 1.75 2.01
N VAL A 90 7.76 2.29 2.96
CA VAL A 90 6.38 1.91 3.17
C VAL A 90 5.55 3.17 3.00
N ILE A 91 4.55 3.12 2.12
CA ILE A 91 3.82 4.32 1.69
C ILE A 91 2.34 4.02 1.78
N ASN A 92 1.56 5.04 2.17
CA ASN A 92 0.12 4.89 2.34
C ASN A 92 -0.60 6.04 1.65
N TYR A 93 -1.67 5.68 0.93
CA TYR A 93 -2.46 6.63 0.17
C TYR A 93 -3.94 6.38 0.47
N LEU A 94 -4.74 7.43 0.31
CA LEU A 94 -6.19 7.30 0.30
C LEU A 94 -6.74 7.85 -1.01
N ALA A 95 -7.81 7.24 -1.50
CA ALA A 95 -8.52 7.77 -2.64
C ALA A 95 -10.00 7.79 -2.30
N PRO A 96 -10.70 8.91 -2.51
CA PRO A 96 -12.13 8.91 -2.22
C PRO A 96 -12.88 8.03 -3.21
N CYS A 97 -13.85 7.26 -2.69
CA CYS A 97 -14.70 6.46 -3.54
C CYS A 97 -15.88 7.23 -4.09
N ASN A 98 -16.28 8.31 -3.42
CA ASN A 98 -17.43 9.11 -3.86
C ASN A 98 -18.67 8.24 -4.06
N GLY A 99 -18.90 7.35 -3.10
CA GLY A 99 -19.93 6.35 -3.19
C GLY A 99 -19.42 5.05 -2.60
N ASP A 100 -20.04 3.95 -3.00
CA ASP A 100 -19.71 2.65 -2.46
C ASP A 100 -18.35 2.20 -3.02
N CYS A 101 -17.39 1.94 -2.13
CA CYS A 101 -16.08 1.51 -2.62
C CYS A 101 -16.16 0.18 -3.36
N SER A 102 -17.15 -0.65 -3.05
N SER A 102 -17.16 -0.65 -3.06
CA SER A 102 -17.21 -1.95 -3.69
CA SER A 102 -17.23 -1.95 -3.70
C SER A 102 -17.54 -1.86 -5.18
C SER A 102 -17.56 -1.87 -5.18
N THR A 103 -18.05 -0.72 -5.64
CA THR A 103 -18.45 -0.55 -7.04
C THR A 103 -17.53 0.39 -7.81
N VAL A 104 -16.39 0.76 -7.24
CA VAL A 104 -15.57 1.78 -7.89
C VAL A 104 -14.88 1.19 -9.12
N ASP A 105 -14.57 2.08 -10.06
CA ASP A 105 -13.72 1.75 -11.20
C ASP A 105 -12.32 2.22 -10.78
N LYS A 106 -11.44 1.25 -10.51
CA LYS A 106 -10.17 1.57 -9.88
C LYS A 106 -9.32 2.53 -10.69
N THR A 107 -9.48 2.55 -12.02
CA THR A 107 -8.66 3.44 -12.83
C THR A 107 -9.05 4.91 -12.69
N GLN A 108 -10.19 5.19 -12.06
CA GLN A 108 -10.64 6.55 -11.78
C GLN A 108 -10.18 7.06 -10.43
N LEU A 109 -9.67 6.19 -9.56
CA LEU A 109 -9.34 6.59 -8.20
C LEU A 109 -8.19 7.58 -8.20
N GLU A 110 -8.34 8.66 -7.43
CA GLU A 110 -7.33 9.71 -7.33
C GLU A 110 -6.74 9.69 -5.92
N PHE A 111 -5.53 9.14 -5.80
CA PHE A 111 -4.89 8.90 -4.51
C PHE A 111 -4.12 10.11 -4.04
N PHE A 112 -4.20 10.38 -2.73
CA PHE A 112 -3.28 11.31 -2.09
C PHE A 112 -2.48 10.57 -1.04
N LYS A 113 -1.20 10.93 -0.92
CA LYS A 113 -0.31 10.28 0.02
C LYS A 113 -0.60 10.79 1.43
N ILE A 114 -0.87 9.87 2.37
CA ILE A 114 -1.13 10.23 3.75
C ILE A 114 0.00 9.88 4.70
N ALA A 115 0.92 9.01 4.30
CA ALA A 115 2.07 8.69 5.14
C ALA A 115 3.15 8.09 4.26
N GLU A 116 4.40 8.32 4.65
CA GLU A 116 5.50 7.73 3.91
C GLU A 116 6.66 7.58 4.87
N SER A 117 7.37 6.47 4.76
CA SER A 117 8.57 6.21 5.54
CA SER A 117 8.57 6.21 5.54
C SER A 117 9.57 5.56 4.61
N GLY A 118 10.83 6.02 4.70
CA GLY A 118 11.82 5.59 3.72
C GLY A 118 13.07 5.00 4.34
N LEU A 119 14.20 5.65 4.11
CA LEU A 119 15.48 5.20 4.64
C LEU A 119 15.65 5.78 6.03
N ILE A 120 15.81 4.92 7.04
CA ILE A 120 15.89 5.38 8.42
C ILE A 120 17.33 5.56 8.88
N ASN A 121 18.20 4.65 8.50
CA ASN A 121 19.62 4.75 8.87
C ASN A 121 20.42 4.00 7.83
N ASP A 122 21.55 4.55 7.42
CA ASP A 122 22.37 3.87 6.41
C ASP A 122 23.83 3.76 6.83
N ASP A 123 24.08 3.65 8.13
CA ASP A 123 25.46 3.51 8.56
C ASP A 123 26.05 2.15 8.20
N ASN A 124 25.22 1.15 7.92
CA ASN A 124 25.68 -0.16 7.50
C ASN A 124 24.83 -0.57 6.30
N PRO A 125 25.22 -0.19 5.09
CA PRO A 125 24.43 -0.52 3.89
C PRO A 125 24.14 -2.00 3.80
N PRO A 126 22.95 -2.39 3.34
CA PRO A 126 21.93 -1.55 2.71
C PRO A 126 21.07 -0.73 3.67
N GLY A 127 21.32 -0.85 4.97
CA GLY A 127 20.73 0.06 5.94
C GLY A 127 19.41 -0.42 6.50
N ILE A 128 18.78 0.48 7.24
CA ILE A 128 17.53 0.23 7.95
C ILE A 128 16.44 1.07 7.31
N TRP A 129 15.39 0.41 6.84
CA TRP A 129 14.33 1.06 6.08
C TRP A 129 13.01 0.88 6.81
N ALA A 130 11.98 1.58 6.31
CA ALA A 130 10.64 1.40 6.81
C ALA A 130 10.26 -0.07 6.82
N SER A 131 10.66 -0.81 5.78
CA SER A 131 10.34 -2.23 5.73
C SER A 131 10.94 -2.98 6.92
N ASP A 132 12.12 -2.54 7.39
CA ASP A 132 12.70 -3.16 8.58
C ASP A 132 11.93 -2.80 9.84
N ASN A 133 11.44 -1.55 9.92
CA ASN A 133 10.53 -1.19 11.00
C ASN A 133 9.28 -2.06 10.97
N LEU A 134 8.73 -2.29 9.77
CA LEU A 134 7.55 -3.14 9.61
C LEU A 134 7.84 -4.54 10.14
N ILE A 135 8.98 -5.11 9.75
CA ILE A 135 9.36 -6.44 10.23
C ILE A 135 9.42 -6.47 11.75
N ALA A 136 10.08 -5.48 12.35
CA ALA A 136 10.28 -5.48 13.79
C ALA A 136 8.96 -5.40 14.53
N ALA A 137 7.98 -4.72 13.96
CA ALA A 137 6.67 -4.54 14.58
C ALA A 137 5.74 -5.67 14.19
N ASN A 138 6.17 -6.90 14.41
CA ASN A 138 5.32 -8.06 14.16
C ASN A 138 4.83 -8.08 12.71
N ASN A 139 5.71 -7.71 11.78
CA ASN A 139 5.40 -7.71 10.36
C ASN A 139 4.13 -6.91 10.06
N SER A 140 4.06 -5.70 10.63
CA SER A 140 2.84 -4.92 10.54
C SER A 140 3.18 -3.44 10.43
N TRP A 141 2.20 -2.69 9.95
CA TRP A 141 2.29 -1.25 9.83
C TRP A 141 1.01 -0.63 10.33
N THR A 142 1.12 0.50 11.01
CA THR A 142 -0.04 1.18 11.54
C THR A 142 -0.15 2.54 10.86
N VAL A 143 -1.30 2.78 10.24
CA VAL A 143 -1.60 4.04 9.58
C VAL A 143 -2.64 4.77 10.42
N THR A 144 -2.43 6.06 10.63
CA THR A 144 -3.41 6.91 11.27
C THR A 144 -4.17 7.66 10.18
N ILE A 145 -5.48 7.58 10.20
CA ILE A 145 -6.27 8.30 9.20
C ILE A 145 -6.27 9.79 9.57
N PRO A 146 -5.99 10.69 8.62
CA PRO A 146 -6.02 12.12 8.94
C PRO A 146 -7.38 12.57 9.44
N THR A 147 -7.38 13.49 10.40
CA THR A 147 -8.61 14.08 10.90
C THR A 147 -9.10 15.24 10.05
N THR A 148 -8.31 15.69 9.09
CA THR A 148 -8.59 16.91 8.34
C THR A 148 -9.27 16.66 7.00
N ILE A 149 -9.47 15.39 6.61
CA ILE A 149 -10.07 15.09 5.30
C ILE A 149 -11.57 14.93 5.43
N ALA A 150 -12.27 15.19 4.33
CA ALA A 150 -13.72 15.07 4.30
C ALA A 150 -14.12 13.61 4.57
N PRO A 151 -15.09 13.37 5.44
CA PRO A 151 -15.51 11.99 5.70
C PRO A 151 -16.24 11.38 4.50
N GLY A 152 -16.23 10.06 4.47
CA GLY A 152 -16.86 9.31 3.40
C GLY A 152 -16.10 8.02 3.18
N ASN A 153 -16.39 7.38 2.06
CA ASN A 153 -15.74 6.10 1.76
C ASN A 153 -14.44 6.34 1.00
N TYR A 154 -13.39 5.61 1.40
CA TYR A 154 -12.07 5.76 0.80
C TYR A 154 -11.42 4.40 0.61
N VAL A 155 -10.60 4.29 -0.42
CA VAL A 155 -9.70 3.15 -0.56
C VAL A 155 -8.38 3.52 0.09
N LEU A 156 -7.91 2.68 1.02
CA LEU A 156 -6.55 2.82 1.53
C LEU A 156 -5.65 1.94 0.68
N ARG A 157 -4.63 2.53 0.09
CA ARG A 157 -3.63 1.80 -0.71
C ARG A 157 -2.35 1.80 0.10
N HIS A 158 -1.99 0.64 0.63
CA HIS A 158 -0.85 0.45 1.51
C HIS A 158 0.20 -0.30 0.71
N GLU A 159 1.46 0.13 0.79
CA GLU A 159 2.43 -0.40 -0.14
C GLU A 159 3.82 -0.47 0.48
N ILE A 160 4.49 -1.60 0.24
CA ILE A 160 5.93 -1.73 0.41
C ILE A 160 6.55 -1.72 -0.97
N ILE A 161 7.64 -0.97 -1.15
CA ILE A 161 8.43 -1.06 -2.36
C ILE A 161 9.77 -1.66 -2.00
N ALA A 162 10.04 -2.86 -2.48
CA ALA A 162 11.31 -3.53 -2.19
C ALA A 162 12.33 -3.13 -3.23
N LEU A 163 13.51 -2.71 -2.74
CA LEU A 163 14.53 -2.10 -3.59
C LEU A 163 15.76 -2.99 -3.75
N HIS A 164 15.70 -4.25 -3.34
CA HIS A 164 16.89 -5.09 -3.35
C HIS A 164 17.39 -5.39 -4.75
N SER A 165 16.53 -5.28 -5.77
CA SER A 165 16.93 -5.45 -7.16
C SER A 165 16.71 -4.20 -7.99
N ALA A 166 16.61 -3.04 -7.33
CA ALA A 166 16.21 -1.81 -8.01
C ALA A 166 17.35 -1.12 -8.76
N GLN A 167 18.55 -1.70 -8.75
CA GLN A 167 19.69 -1.10 -9.47
CA GLN A 167 19.68 -1.08 -9.46
C GLN A 167 19.46 -1.06 -10.98
N ASN A 168 18.60 -1.92 -11.50
CA ASN A 168 18.30 -1.99 -12.92
C ASN A 168 16.90 -1.47 -13.17
N GLN A 169 16.68 -0.94 -14.38
CA GLN A 169 15.36 -0.43 -14.76
C GLN A 169 14.29 -1.49 -14.58
N ASP A 170 13.17 -1.07 -14.01
CA ASP A 170 12.04 -1.94 -13.68
C ASP A 170 12.38 -2.99 -12.63
N GLY A 171 13.47 -2.77 -11.87
CA GLY A 171 13.86 -3.71 -10.83
C GLY A 171 13.13 -3.55 -9.52
N ALA A 172 12.63 -2.35 -9.21
CA ALA A 172 11.92 -2.15 -7.95
C ALA A 172 10.66 -2.99 -7.94
N GLN A 173 10.28 -3.49 -6.76
CA GLN A 173 9.15 -4.40 -6.64
C GLN A 173 8.10 -3.74 -5.75
N ASN A 174 6.96 -3.39 -6.35
CA ASN A 174 5.89 -2.74 -5.60
C ASN A 174 4.88 -3.78 -5.12
N TYR A 175 4.54 -3.70 -3.85
CA TYR A 175 3.58 -4.62 -3.22
C TYR A 175 2.42 -3.81 -2.66
N PRO A 176 1.51 -3.35 -3.51
CA PRO A 176 0.34 -2.62 -3.01
C PRO A 176 -0.76 -3.55 -2.53
N GLN A 177 -1.43 -3.14 -1.47
CA GLN A 177 -2.56 -3.86 -0.90
C GLN A 177 -3.60 -2.84 -0.54
N CYS A 178 -4.84 -3.05 -0.98
CA CYS A 178 -5.90 -2.06 -0.83
C CYS A 178 -7.01 -2.58 0.04
N ILE A 179 -7.61 -1.68 0.83
CA ILE A 179 -8.76 -2.00 1.67
C ILE A 179 -9.73 -0.82 1.61
N ASN A 180 -11.00 -1.12 1.91
CA ASN A 180 -12.07 -0.13 1.85
C ASN A 180 -12.38 0.37 3.26
N LEU A 181 -12.41 1.69 3.42
CA LEU A 181 -12.64 2.31 4.72
C LEU A 181 -13.78 3.30 4.64
N GLN A 182 -14.53 3.40 5.73
CA GLN A 182 -15.57 4.41 5.93
C GLN A 182 -15.01 5.41 6.94
N VAL A 183 -14.50 6.54 6.44
CA VAL A 183 -13.75 7.51 7.24
C VAL A 183 -14.72 8.49 7.91
N THR A 184 -14.43 8.84 9.16
CA THR A 184 -15.26 9.77 9.92
C THR A 184 -14.40 10.88 10.52
N GLY A 185 -15.04 11.97 10.89
CA GLY A 185 -14.32 13.10 11.46
C GLY A 185 -14.86 14.45 11.02
N GLY A 186 -14.33 15.51 11.60
CA GLY A 186 -14.78 16.85 11.28
C GLY A 186 -14.06 17.52 10.12
N GLY A 187 -13.21 16.80 9.41
CA GLY A 187 -12.44 17.42 8.35
C GLY A 187 -13.26 17.78 7.13
N SER A 188 -12.72 18.68 6.32
CA SER A 188 -13.36 19.09 5.08
C SER A 188 -12.43 19.09 3.88
N ASP A 189 -11.15 18.76 4.03
CA ASP A 189 -10.23 18.81 2.91
C ASP A 189 -10.53 17.70 1.90
N ASN A 190 -10.42 18.04 0.63
CA ASN A 190 -10.42 17.08 -0.46
C ASN A 190 -9.06 17.23 -1.15
N PRO A 191 -8.04 16.56 -0.62
CA PRO A 191 -6.68 16.79 -1.12
C PRO A 191 -6.54 16.39 -2.59
N ALA A 192 -5.65 17.12 -3.27
CA ALA A 192 -5.36 16.83 -4.66
C ALA A 192 -4.86 15.40 -4.80
N GLY A 193 -5.45 14.66 -5.74
CA GLY A 193 -5.14 13.27 -5.94
C GLY A 193 -4.45 12.99 -7.28
N THR A 194 -3.89 11.80 -7.34
CA THR A 194 -3.09 11.32 -8.45
C THR A 194 -3.63 9.95 -8.84
N LEU A 195 -3.85 9.75 -10.13
CA LEU A 195 -4.28 8.43 -10.58
C LEU A 195 -3.21 7.41 -10.22
N GLY A 196 -3.64 6.18 -9.93
CA GLY A 196 -2.68 5.15 -9.57
C GLY A 196 -1.63 4.94 -10.64
N THR A 197 -2.01 5.09 -11.91
CA THR A 197 -1.11 4.93 -13.04
C THR A 197 -0.18 6.11 -13.25
N ALA A 198 -0.27 7.13 -12.38
CA ALA A 198 0.59 8.30 -12.45
C ALA A 198 1.43 8.46 -11.19
N LEU A 199 1.40 7.48 -10.28
CA LEU A 199 2.15 7.59 -9.03
C LEU A 199 3.65 7.50 -9.27
N TYR A 200 4.08 6.58 -10.13
CA TYR A 200 5.47 6.19 -10.21
C TYR A 200 5.94 6.10 -11.66
N HIS A 201 7.21 6.43 -11.84
CA HIS A 201 7.89 6.27 -13.11
C HIS A 201 9.15 5.48 -12.83
N ASP A 202 9.52 4.60 -13.78
CA ASP A 202 10.62 3.69 -13.51
C ASP A 202 11.99 4.38 -13.46
N THR A 203 12.05 5.69 -13.70
CA THR A 203 13.27 6.47 -13.58
C THR A 203 13.31 7.32 -12.32
N ASP A 204 12.29 7.24 -11.46
CA ASP A 204 12.29 8.06 -10.26
C ASP A 204 13.50 7.76 -9.37
N PRO A 205 14.03 8.77 -8.67
CA PRO A 205 15.27 8.57 -7.92
C PRO A 205 15.15 7.64 -6.73
N GLY A 206 13.95 7.43 -6.20
CA GLY A 206 13.74 6.41 -5.19
C GLY A 206 13.35 5.05 -5.72
N ILE A 207 13.28 4.90 -7.04
CA ILE A 207 12.86 3.67 -7.69
C ILE A 207 14.02 3.01 -8.41
N LEU A 208 14.75 3.78 -9.21
CA LEU A 208 15.95 3.31 -9.89
C LEU A 208 17.12 3.73 -9.01
N ILE A 209 17.63 2.79 -8.23
CA ILE A 209 18.54 3.14 -7.14
C ILE A 209 19.32 1.90 -6.74
N ASN A 210 20.59 2.10 -6.40
CA ASN A 210 21.44 1.06 -5.85
C ASN A 210 21.55 1.31 -4.35
N ILE A 211 20.86 0.48 -3.56
CA ILE A 211 20.90 0.61 -2.10
C ILE A 211 22.13 0.01 -1.46
N TYR A 212 23.00 -0.66 -2.23
CA TYR A 212 24.16 -1.34 -1.67
C TYR A 212 25.35 -0.40 -1.63
N GLN A 213 25.13 0.74 -0.98
CA GLN A 213 26.10 1.80 -0.79
C GLN A 213 25.54 2.71 0.27
N LYS A 214 26.38 3.61 0.80
CA LYS A 214 25.95 4.59 1.78
CA LYS A 214 25.94 4.57 1.78
C LYS A 214 25.19 5.69 1.05
N LEU A 215 23.87 5.74 1.24
CA LEU A 215 23.06 6.82 0.69
C LEU A 215 22.96 7.92 1.74
N SER A 216 23.22 9.15 1.33
CA SER A 216 23.04 10.28 2.23
C SER A 216 21.60 10.74 2.30
N SER A 217 20.76 10.30 1.37
CA SER A 217 19.38 10.74 1.28
C SER A 217 18.63 9.73 0.42
N TYR A 218 17.31 9.73 0.57
CA TYR A 218 16.46 8.85 -0.23
C TYR A 218 15.16 9.59 -0.49
N ILE A 219 14.80 9.75 -1.75
CA ILE A 219 13.60 10.48 -2.12
C ILE A 219 12.48 9.46 -2.22
N ILE A 220 11.58 9.46 -1.24
CA ILE A 220 10.48 8.50 -1.29
C ILE A 220 9.64 8.79 -2.53
N PRO A 221 9.37 7.80 -3.37
CA PRO A 221 8.64 8.06 -4.61
C PRO A 221 7.17 8.40 -4.33
N GLY A 222 6.52 8.87 -5.40
CA GLY A 222 5.12 9.19 -5.33
C GLY A 222 4.88 10.67 -5.10
N PRO A 223 3.63 11.06 -5.17
CA PRO A 223 3.25 12.47 -5.08
C PRO A 223 3.48 13.01 -3.68
N PRO A 224 3.40 14.32 -3.49
CA PRO A 224 3.76 14.91 -2.20
C PRO A 224 2.83 14.47 -1.07
N LEU A 225 3.42 14.33 0.11
CA LEU A 225 2.67 13.97 1.30
C LEU A 225 1.65 15.06 1.64
N TYR A 226 0.40 14.65 1.83
CA TYR A 226 -0.65 15.55 2.27
C TYR A 226 -0.53 15.77 3.77
N THR A 227 -0.57 17.02 4.19
CA THR A 227 -0.76 17.38 5.60
C THR A 227 -1.88 18.40 5.75
C1 NAG B . 1.15 -10.36 15.08
C2 NAG B . -0.14 -10.07 15.87
C3 NAG B . -1.11 -11.25 15.77
C4 NAG B . -1.31 -11.68 14.32
C5 NAG B . 0.08 -11.96 13.75
C6 NAG B . 0.10 -12.55 12.36
C7 NAG B . -0.19 -8.66 17.87
C8 NAG B . -0.95 -7.68 17.04
N2 NAG B . 0.18 -9.79 17.25
O3 NAG B . -2.35 -10.86 16.35
O4 NAG B . -2.09 -12.86 14.25
O5 NAG B . 0.84 -10.74 13.77
O6 NAG B . 0.06 -11.58 11.33
O7 NAG B . 0.09 -8.44 19.05
C1 NAG B . -3.50 -12.66 13.99
C2 NAG B . -4.08 -13.99 13.47
C3 NAG B . -5.59 -13.89 13.29
C4 NAG B . -6.25 -13.43 14.58
C5 NAG B . -5.64 -12.10 15.01
C6 NAG B . -6.19 -11.60 16.33
C7 NAG B . -2.41 -15.22 12.17
C8 NAG B . -1.88 -15.53 10.80
N2 NAG B . -3.45 -14.39 12.23
O3 NAG B . -6.12 -15.15 12.90
O4 NAG B . -7.66 -13.32 14.40
O5 NAG B . -4.22 -12.25 15.18
O6 NAG B . -5.91 -12.52 17.37
O7 NAG B . -1.91 -15.70 13.19
C1 GOL C . 13.65 -13.17 -4.69
O1 GOL C . 14.16 -12.68 -3.48
C2 GOL C . 13.49 -11.95 -5.63
O2 GOL C . 12.67 -10.96 -5.07
C3 GOL C . 14.94 -11.44 -5.90
O3 GOL C . 14.86 -10.45 -6.89
CU CU D . 9.73 -11.06 -2.58
C1 GOL E . 13.78 -1.57 13.30
O1 GOL E . 14.02 -1.35 11.94
C2 GOL E . 15.14 -1.91 13.98
O2 GOL E . 15.10 -1.70 15.34
C3 GOL E . 15.37 -3.40 13.67
O3 GOL E . 16.04 -3.45 12.48
NA NA F . 2.91 17.60 3.64
#